data_2VVG
#
_entry.id   2VVG
#
_cell.length_a   44.875
_cell.length_b   48.223
_cell.length_c   72.021
_cell.angle_alpha   89.30
_cell.angle_beta   87.52
_cell.angle_gamma   84.29
#
_symmetry.space_group_name_H-M   'P 1'
#
loop_
_entity.id
_entity.type
_entity.pdbx_description
1 polymer KINESIN-2
2 non-polymer "ADENOSINE-5'-DIPHOSPHATE"
3 non-polymer 'MAGNESIUM ION'
4 water water
#
_entity_poly.entity_id   1
_entity_poly.type   'polypeptide(L)'
_entity_poly.pdbx_seq_one_letter_code
;MSSDNIKVIVRCRPLNARETRENALNIIRMDEASAQVIVDPPEQEKSATQAKKVPRTFTFDAVYDQTSCNYGIFQASFKP
LIDAVLEGFNSTIFAYGQTGAGKTWTMGGNKEEPGAIPNSFKHLFDAINSSSSNQNFLVIGSYLELYNEEIRDLIKNNTK
LPLKEDKTRGIYVDGLSMHRVTTAAELSALMDKGFANRHVAATQMNDTSSRSHSIFMVRIECSEVIENKEVIRVGKLNLV
DLAGSERQSKTGATGETLVEGAKINLSLSALGLVISKLVEGATHIPYRDSKLTRLLQDSLGGNSKTLMCANISPASTNYD
ETMSTLRYADRAKQIKNKPRINEDPKDAQI
;
_entity_poly.pdbx_strand_id   A,B
#
# COMPACT_ATOMS: atom_id res chain seq x y z
N ASP A 4 -26.30 10.85 15.87
CA ASP A 4 -25.50 12.02 15.37
C ASP A 4 -25.37 12.00 13.86
N ASN A 5 -24.38 12.73 13.34
CA ASN A 5 -24.18 12.80 11.89
C ASN A 5 -23.79 11.50 11.19
N ILE A 6 -24.11 11.43 9.91
CA ILE A 6 -23.75 10.29 9.09
C ILE A 6 -22.23 10.36 8.96
N LYS A 7 -21.56 9.23 9.05
CA LYS A 7 -20.11 9.18 8.92
C LYS A 7 -19.75 9.15 7.45
N VAL A 8 -18.67 9.81 7.07
CA VAL A 8 -18.26 9.82 5.68
C VAL A 8 -16.76 9.61 5.53
N ILE A 9 -16.40 8.63 4.71
CA ILE A 9 -14.99 8.38 4.45
C ILE A 9 -14.77 8.41 2.95
N VAL A 10 -13.52 8.62 2.54
CA VAL A 10 -13.17 8.66 1.13
C VAL A 10 -12.07 7.66 0.91
N ARG A 11 -12.21 6.87 -0.15
CA ARG A 11 -11.19 5.90 -0.48
C ARG A 11 -10.73 6.13 -1.91
N CYS A 12 -9.44 6.34 -2.07
CA CYS A 12 -8.87 6.54 -3.40
C CYS A 12 -8.10 5.27 -3.74
N ARG A 13 -8.42 4.67 -4.89
CA ARG A 13 -7.74 3.45 -5.30
C ARG A 13 -6.47 3.78 -6.08
N PRO A 14 -5.66 2.76 -6.41
CA PRO A 14 -4.43 3.02 -7.16
C PRO A 14 -4.84 3.26 -8.62
N LEU A 15 -3.94 3.85 -9.40
CA LEU A 15 -4.24 4.07 -10.82
C LEU A 15 -4.41 2.67 -11.42
N ASN A 16 -5.38 2.50 -12.32
CA ASN A 16 -5.57 1.19 -12.92
C ASN A 16 -4.77 1.04 -14.21
N ALA A 17 -4.96 -0.08 -14.90
CA ALA A 17 -4.23 -0.36 -16.15
C ALA A 17 -4.51 0.66 -17.25
N ARG A 18 -5.79 0.94 -17.49
CA ARG A 18 -6.18 1.90 -18.51
C ARG A 18 -5.53 3.26 -18.27
N GLU A 19 -5.68 3.76 -17.05
CA GLU A 19 -5.13 5.05 -16.68
C GLU A 19 -3.61 5.10 -16.78
N THR A 20 -2.96 4.03 -16.36
CA THR A 20 -1.50 3.96 -16.40
C THR A 20 -0.99 3.95 -17.85
N ARG A 21 -1.63 3.16 -18.70
CA ARG A 21 -1.23 3.06 -20.11
C ARG A 21 -1.51 4.34 -20.89
N GLU A 22 -2.50 5.13 -20.46
CA GLU A 22 -2.84 6.37 -21.13
C GLU A 22 -2.06 7.53 -20.52
N ASN A 23 -1.09 7.18 -19.67
CA ASN A 23 -0.23 8.17 -19.03
C ASN A 23 -0.97 9.20 -18.18
N ALA A 24 -2.02 8.77 -17.50
CA ALA A 24 -2.78 9.69 -16.65
C ALA A 24 -1.93 9.92 -15.42
N LEU A 25 -2.08 11.09 -14.80
CA LEU A 25 -1.29 11.36 -13.61
C LEU A 25 -2.18 11.32 -12.37
N ASN A 26 -1.56 11.02 -11.22
CA ASN A 26 -2.29 10.96 -9.96
C ASN A 26 -2.44 12.37 -9.42
N ILE A 27 -3.69 12.83 -9.34
CA ILE A 27 -3.98 14.19 -8.85
C ILE A 27 -4.53 14.20 -7.44
N ILE A 28 -4.43 13.08 -6.73
CA ILE A 28 -4.96 12.99 -5.38
C ILE A 28 -3.89 12.82 -4.31
N ARG A 29 -3.96 13.68 -3.30
CA ARG A 29 -3.04 13.63 -2.17
C ARG A 29 -3.89 13.53 -0.92
N MET A 30 -3.43 12.77 0.06
CA MET A 30 -4.17 12.60 1.30
C MET A 30 -3.30 12.77 2.54
N ASP A 31 -3.91 13.32 3.58
CA ASP A 31 -3.26 13.48 4.87
C ASP A 31 -4.19 12.71 5.78
N GLU A 32 -3.90 11.43 5.96
CA GLU A 32 -4.75 10.59 6.78
C GLU A 32 -4.83 11.03 8.24
N ALA A 33 -3.77 11.65 8.75
CA ALA A 33 -3.77 12.12 10.13
C ALA A 33 -4.82 13.21 10.37
N SER A 34 -5.09 14.00 9.33
CA SER A 34 -6.07 15.08 9.44
C SER A 34 -7.33 14.77 8.66
N ALA A 35 -7.42 13.52 8.17
CA ALA A 35 -8.57 13.07 7.38
C ALA A 35 -8.87 14.01 6.21
N GLN A 36 -7.83 14.41 5.51
CA GLN A 36 -8.01 15.32 4.39
C GLN A 36 -7.65 14.71 3.04
N VAL A 37 -8.42 15.09 2.03
CA VAL A 37 -8.20 14.65 0.66
C VAL A 37 -8.00 15.94 -0.12
N ILE A 38 -6.91 15.98 -0.90
CA ILE A 38 -6.57 17.15 -1.68
C ILE A 38 -6.57 16.82 -3.17
N VAL A 39 -7.34 17.59 -3.94
CA VAL A 39 -7.41 17.37 -5.37
C VAL A 39 -6.56 18.43 -6.07
N ASP A 40 -5.48 17.98 -6.71
CA ASP A 40 -4.59 18.89 -7.44
C ASP A 40 -5.17 19.18 -8.82
N PRO A 41 -5.59 18.20 -9.47
N PRO A 55 -5.02 23.94 -4.54
CA PRO A 55 -5.82 22.70 -4.73
C PRO A 55 -7.03 22.72 -3.81
N ARG A 56 -8.07 21.99 -4.21
CA ARG A 56 -9.30 21.89 -3.42
C ARG A 56 -9.09 20.82 -2.37
N THR A 57 -9.37 21.16 -1.11
CA THR A 57 -9.18 20.25 0.00
C THR A 57 -10.49 19.99 0.73
N PHE A 58 -10.69 18.74 1.14
CA PHE A 58 -11.89 18.35 1.87
C PHE A 58 -11.48 17.61 3.13
N THR A 59 -12.32 17.69 4.16
CA THR A 59 -12.06 17.00 5.41
C THR A 59 -13.24 16.11 5.69
N PHE A 60 -12.96 14.83 5.97
CA PHE A 60 -14.00 13.86 6.26
C PHE A 60 -13.70 13.16 7.59
N ASP A 61 -14.42 12.09 7.88
CA ASP A 61 -14.18 11.38 9.13
C ASP A 61 -12.91 10.54 9.04
N ALA A 62 -12.60 10.10 7.82
CA ALA A 62 -11.40 9.31 7.56
C ALA A 62 -11.15 9.26 6.06
N VAL A 63 -9.88 9.18 5.67
CA VAL A 63 -9.54 9.09 4.26
C VAL A 63 -8.58 7.94 4.11
N TYR A 64 -8.68 7.25 2.98
CA TYR A 64 -7.84 6.09 2.72
C TYR A 64 -7.24 6.23 1.35
N ASP A 65 -5.91 6.16 1.25
CA ASP A 65 -5.26 6.28 -0.04
C ASP A 65 -5.02 4.93 -0.70
N GLN A 66 -4.26 4.94 -1.79
CA GLN A 66 -3.98 3.73 -2.54
C GLN A 66 -3.23 2.64 -1.78
N THR A 67 -2.69 2.99 -0.63
CA THR A 67 -1.95 2.01 0.17
C THR A 67 -2.85 1.32 1.21
N SER A 68 -4.12 1.70 1.25
CA SER A 68 -5.04 1.11 2.21
C SER A 68 -5.61 -0.21 1.73
N CYS A 69 -5.81 -1.14 2.64
CA CYS A 69 -6.35 -2.45 2.31
C CYS A 69 -7.75 -2.60 2.90
N ASN A 70 -8.53 -3.54 2.35
CA ASN A 70 -9.89 -3.80 2.81
C ASN A 70 -9.97 -4.08 4.31
N TYR A 71 -9.04 -4.89 4.81
CA TYR A 71 -9.05 -5.23 6.22
C TYR A 71 -8.88 -4.00 7.13
N GLY A 72 -7.94 -3.14 6.78
CA GLY A 72 -7.69 -1.95 7.59
C GLY A 72 -8.88 -1.01 7.62
N ILE A 73 -9.53 -0.85 6.48
CA ILE A 73 -10.69 0.03 6.41
C ILE A 73 -11.81 -0.57 7.25
N PHE A 74 -11.94 -1.89 7.23
CA PHE A 74 -12.98 -2.51 8.03
C PHE A 74 -12.75 -2.27 9.51
N GLN A 75 -11.55 -2.56 9.99
CA GLN A 75 -11.26 -2.40 11.40
C GLN A 75 -11.45 -0.97 11.91
N ALA A 76 -11.04 -0.01 11.11
CA ALA A 76 -11.14 1.39 11.50
C ALA A 76 -12.46 2.10 11.25
N SER A 77 -13.10 1.82 10.12
CA SER A 77 -14.34 2.51 9.78
C SER A 77 -15.63 1.71 9.74
N PHE A 78 -15.59 0.50 9.19
CA PHE A 78 -16.82 -0.28 9.09
C PHE A 78 -17.21 -1.04 10.36
N LYS A 79 -16.22 -1.61 11.05
CA LYS A 79 -16.49 -2.39 12.26
C LYS A 79 -17.48 -1.75 13.25
N PRO A 80 -17.31 -0.46 13.58
CA PRO A 80 -18.22 0.19 14.52
C PRO A 80 -19.68 0.09 14.11
N LEU A 81 -19.95 0.11 12.81
CA LEU A 81 -21.32 0.03 12.32
C LEU A 81 -21.88 -1.38 12.49
N ILE A 82 -21.01 -2.37 12.41
CA ILE A 82 -21.44 -3.75 12.58
C ILE A 82 -21.69 -4.00 14.06
N ASP A 83 -20.84 -3.43 14.92
CA ASP A 83 -21.01 -3.57 16.36
C ASP A 83 -22.34 -2.90 16.77
N ALA A 84 -22.70 -1.84 16.08
CA ALA A 84 -23.95 -1.13 16.38
C ALA A 84 -25.17 -2.02 16.16
N VAL A 85 -25.16 -2.80 15.08
CA VAL A 85 -26.30 -3.68 14.80
C VAL A 85 -26.37 -4.77 15.85
N LEU A 86 -25.21 -5.28 16.27
CA LEU A 86 -25.14 -6.32 17.28
C LEU A 86 -25.71 -5.80 18.60
N GLU A 87 -25.72 -4.48 18.76
CA GLU A 87 -26.24 -3.83 19.97
C GLU A 87 -27.73 -3.52 19.87
N GLY A 88 -28.30 -3.65 18.68
CA GLY A 88 -29.72 -3.37 18.53
C GLY A 88 -30.03 -2.14 17.70
N PHE A 89 -29.00 -1.54 17.11
CA PHE A 89 -29.17 -0.36 16.26
C PHE A 89 -29.31 -0.82 14.82
N ASN A 90 -29.89 0.04 13.99
CA ASN A 90 -29.99 -0.20 12.57
C ASN A 90 -28.72 0.46 12.04
N SER A 91 -28.06 -0.16 11.06
CA SER A 91 -26.84 0.41 10.49
C SER A 91 -26.82 0.25 8.99
N THR A 92 -26.28 1.26 8.30
CA THR A 92 -26.18 1.21 6.85
C THR A 92 -24.81 1.69 6.40
N ILE A 93 -24.21 0.94 5.47
CA ILE A 93 -22.93 1.32 4.89
C ILE A 93 -23.20 1.34 3.40
N PHE A 94 -22.94 2.48 2.75
CA PHE A 94 -23.14 2.52 1.32
C PHE A 94 -21.93 3.07 0.59
N ALA A 95 -21.60 2.46 -0.53
CA ALA A 95 -20.46 2.86 -1.36
C ALA A 95 -21.01 3.71 -2.50
N TYR A 96 -20.40 4.86 -2.70
CA TYR A 96 -20.81 5.83 -3.71
C TYR A 96 -19.62 6.30 -4.54
N GLY A 97 -19.83 6.50 -5.84
CA GLY A 97 -18.74 6.94 -6.68
C GLY A 97 -18.92 6.52 -8.13
N GLN A 98 -18.13 7.10 -9.01
CA GLN A 98 -18.25 6.77 -10.43
C GLN A 98 -17.89 5.33 -10.72
N THR A 99 -18.41 4.83 -11.84
CA THR A 99 -18.13 3.46 -12.25
C THR A 99 -16.62 3.32 -12.38
N GLY A 100 -16.11 2.22 -11.83
CA GLY A 100 -14.69 1.95 -11.87
C GLY A 100 -13.88 2.52 -10.72
N ALA A 101 -14.51 3.34 -9.88
CA ALA A 101 -13.83 3.97 -8.75
C ALA A 101 -13.41 2.99 -7.66
N GLY A 102 -14.21 1.95 -7.45
CA GLY A 102 -13.87 0.96 -6.43
C GLY A 102 -14.98 0.57 -5.45
N LYS A 103 -16.24 0.83 -5.80
CA LYS A 103 -17.34 0.50 -4.91
C LYS A 103 -17.48 -1.00 -4.64
N THR A 104 -17.48 -1.78 -5.71
CA THR A 104 -17.63 -3.23 -5.58
C THR A 104 -16.42 -3.86 -4.95
N TRP A 105 -15.24 -3.35 -5.27
CA TRP A 105 -14.03 -3.88 -4.68
C TRP A 105 -14.05 -3.62 -3.18
N THR A 106 -14.55 -2.45 -2.80
CA THR A 106 -14.62 -2.09 -1.39
C THR A 106 -15.69 -2.89 -0.65
N MET A 107 -16.87 -3.03 -1.26
CA MET A 107 -17.95 -3.74 -0.60
C MET A 107 -17.81 -5.25 -0.64
N GLY A 108 -17.28 -5.78 -1.74
CA GLY A 108 -17.15 -7.22 -1.87
C GLY A 108 -15.72 -7.76 -1.86
N GLY A 109 -14.82 -7.07 -2.56
CA GLY A 109 -13.43 -7.53 -2.62
C GLY A 109 -13.40 -8.89 -3.31
N ASN A 110 -12.45 -9.73 -2.91
CA ASN A 110 -12.34 -11.07 -3.48
C ASN A 110 -11.96 -12.04 -2.36
N LYS A 111 -11.87 -13.32 -2.67
CA LYS A 111 -11.53 -14.33 -1.67
C LYS A 111 -10.22 -14.03 -0.96
N GLU A 112 -9.23 -13.55 -1.69
CA GLU A 112 -7.93 -13.24 -1.12
C GLU A 112 -7.98 -11.99 -0.23
N GLU A 113 -8.76 -11.00 -0.64
CA GLU A 113 -8.89 -9.78 0.14
C GLU A 113 -10.36 -9.40 0.24
N PRO A 114 -11.09 -10.05 1.15
CA PRO A 114 -12.52 -9.79 1.36
C PRO A 114 -12.85 -8.32 1.59
N GLY A 115 -14.01 -7.90 1.08
CA GLY A 115 -14.44 -6.53 1.25
C GLY A 115 -15.29 -6.36 2.49
N ALA A 116 -15.97 -5.22 2.59
CA ALA A 116 -16.80 -4.91 3.75
C ALA A 116 -17.89 -5.94 4.07
N ILE A 117 -18.56 -6.43 3.04
CA ILE A 117 -19.64 -7.40 3.22
C ILE A 117 -19.15 -8.70 3.86
N PRO A 118 -18.20 -9.40 3.23
CA PRO A 118 -17.74 -10.64 3.86
C PRO A 118 -17.06 -10.39 5.21
N ASN A 119 -16.38 -9.25 5.34
CA ASN A 119 -15.72 -8.93 6.60
C ASN A 119 -16.78 -8.72 7.68
N SER A 120 -17.92 -8.15 7.30
CA SER A 120 -19.00 -7.94 8.25
C SER A 120 -19.59 -9.30 8.67
N PHE A 121 -19.71 -10.22 7.73
CA PHE A 121 -20.25 -11.54 8.04
C PHE A 121 -19.38 -12.22 9.08
N LYS A 122 -18.07 -12.20 8.85
CA LYS A 122 -17.13 -12.83 9.77
C LYS A 122 -17.17 -12.19 11.14
N HIS A 123 -17.19 -10.86 11.15
CA HIS A 123 -17.22 -10.15 12.42
C HIS A 123 -18.49 -10.40 13.23
N LEU A 124 -19.63 -10.40 12.54
CA LEU A 124 -20.93 -10.61 13.20
C LEU A 124 -20.97 -11.94 13.95
N PHE A 125 -20.55 -13.01 13.28
CA PHE A 125 -20.59 -14.32 13.89
C PHE A 125 -19.45 -14.56 14.89
N ASP A 126 -18.34 -13.88 14.70
CA ASP A 126 -17.24 -14.02 15.66
C ASP A 126 -17.75 -13.42 16.97
N ALA A 127 -18.48 -12.31 16.86
CA ALA A 127 -19.04 -11.64 18.04
C ALA A 127 -20.12 -12.50 18.68
N ILE A 128 -21.01 -13.06 17.87
CA ILE A 128 -22.08 -13.90 18.39
C ILE A 128 -21.50 -15.14 19.07
N ASN A 129 -20.48 -15.73 18.47
CA ASN A 129 -19.86 -16.92 19.08
C ASN A 129 -19.17 -16.59 20.40
N SER A 130 -18.82 -15.32 20.60
CA SER A 130 -18.16 -14.93 21.84
C SER A 130 -19.18 -14.53 22.92
N SER A 131 -20.45 -14.54 22.56
CA SER A 131 -21.51 -14.15 23.49
C SER A 131 -21.71 -15.19 24.60
N SER A 132 -22.30 -14.74 25.70
CA SER A 132 -22.57 -15.61 26.84
C SER A 132 -23.91 -16.31 26.69
N SER A 133 -24.18 -17.25 27.58
CA SER A 133 -25.42 -18.01 27.55
C SER A 133 -26.65 -17.13 27.79
N ASN A 134 -26.42 -15.88 28.17
CA ASN A 134 -27.53 -14.97 28.41
C ASN A 134 -28.08 -14.39 27.12
N GLN A 135 -27.37 -14.59 26.02
CA GLN A 135 -27.79 -14.07 24.72
C GLN A 135 -28.01 -15.16 23.68
N ASN A 136 -29.11 -15.05 22.94
CA ASN A 136 -29.44 -16.00 21.89
C ASN A 136 -29.71 -15.18 20.63
N PHE A 137 -29.04 -15.52 19.53
CA PHE A 137 -29.21 -14.76 18.30
C PHE A 137 -29.92 -15.46 17.15
N LEU A 138 -30.56 -14.65 16.30
CA LEU A 138 -31.24 -15.11 15.11
C LEU A 138 -30.73 -14.19 14.02
N VAL A 139 -30.05 -14.75 13.02
CA VAL A 139 -29.50 -13.96 11.92
C VAL A 139 -30.20 -14.34 10.62
N ILE A 140 -30.71 -13.34 9.91
CA ILE A 140 -31.43 -13.57 8.67
C ILE A 140 -30.86 -12.71 7.54
N GLY A 141 -30.54 -13.35 6.41
CA GLY A 141 -29.97 -12.61 5.30
C GLY A 141 -30.88 -12.51 4.09
N SER A 142 -30.75 -11.41 3.37
CA SER A 142 -31.51 -11.14 2.15
C SER A 142 -30.57 -10.39 1.22
N TYR A 143 -30.84 -10.45 -0.09
CA TYR A 143 -29.96 -9.79 -1.04
C TYR A 143 -30.79 -9.37 -2.24
N LEU A 144 -30.74 -8.08 -2.57
CA LEU A 144 -31.52 -7.58 -3.70
C LEU A 144 -30.73 -6.68 -4.64
N GLU A 145 -31.25 -6.54 -5.85
CA GLU A 145 -30.68 -5.67 -6.85
C GLU A 145 -31.80 -4.75 -7.29
N LEU A 146 -31.50 -3.47 -7.40
CA LEU A 146 -32.47 -2.49 -7.83
C LEU A 146 -31.99 -1.93 -9.16
N TYR A 147 -32.76 -2.15 -10.22
CA TYR A 147 -32.42 -1.67 -11.54
C TYR A 147 -33.69 -1.24 -12.26
N ASN A 148 -33.66 -0.04 -12.84
CA ASN A 148 -34.82 0.50 -13.56
C ASN A 148 -36.06 0.50 -12.66
N GLU A 149 -35.84 0.84 -11.39
CA GLU A 149 -36.91 0.88 -10.39
C GLU A 149 -37.61 -0.46 -10.20
N GLU A 150 -36.92 -1.54 -10.52
CA GLU A 150 -37.45 -2.88 -10.36
C GLU A 150 -36.56 -3.62 -9.37
N ILE A 151 -37.16 -4.31 -8.41
CA ILE A 151 -36.41 -5.04 -7.40
C ILE A 151 -36.32 -6.52 -7.70
N ARG A 152 -35.09 -7.03 -7.73
CA ARG A 152 -34.86 -8.44 -7.99
C ARG A 152 -34.25 -9.12 -6.77
N ASP A 153 -34.77 -10.29 -6.43
CA ASP A 153 -34.24 -11.07 -5.31
C ASP A 153 -33.04 -11.76 -5.94
N LEU A 154 -31.83 -11.40 -5.53
CA LEU A 154 -30.62 -11.99 -6.12
C LEU A 154 -30.36 -13.45 -5.75
N ILE A 155 -31.01 -13.94 -4.70
CA ILE A 155 -30.80 -15.33 -4.29
C ILE A 155 -31.73 -16.27 -5.04
N LYS A 156 -32.99 -15.87 -5.20
CA LYS A 156 -33.96 -16.69 -5.93
C LYS A 156 -34.09 -16.25 -7.37
N ASN A 157 -33.56 -15.07 -7.67
CA ASN A 157 -33.62 -14.51 -9.00
C ASN A 157 -35.06 -14.27 -9.45
N ASN A 158 -35.88 -13.77 -8.52
CA ASN A 158 -37.26 -13.43 -8.81
C ASN A 158 -37.24 -11.94 -9.09
N THR A 159 -37.97 -11.53 -10.12
CA THR A 159 -37.99 -10.12 -10.52
C THR A 159 -39.25 -9.35 -10.20
N LYS A 160 -39.14 -8.03 -10.33
CA LYS A 160 -40.24 -7.09 -10.10
C LYS A 160 -40.99 -7.26 -8.79
N LEU A 161 -40.25 -7.43 -7.69
CA LEU A 161 -40.86 -7.56 -6.38
C LEU A 161 -41.33 -6.18 -5.94
N PRO A 162 -42.57 -6.07 -5.43
CA PRO A 162 -43.10 -4.78 -4.99
C PRO A 162 -42.69 -4.37 -3.58
N LEU A 163 -42.77 -3.08 -3.31
CA LEU A 163 -42.46 -2.56 -1.99
C LEU A 163 -43.77 -2.47 -1.22
N LYS A 164 -43.72 -2.75 0.08
CA LYS A 164 -44.88 -2.67 0.94
C LYS A 164 -44.38 -1.99 2.20
N GLU A 165 -45.29 -1.44 2.99
CA GLU A 165 -44.87 -0.77 4.20
C GLU A 165 -45.99 -0.73 5.22
N ASP A 166 -45.65 -1.01 6.48
CA ASP A 166 -46.64 -0.98 7.55
C ASP A 166 -45.98 -0.56 8.86
N LYS A 167 -46.79 -0.37 9.89
CA LYS A 167 -46.28 0.06 11.19
C LYS A 167 -45.46 -1.00 11.93
N THR A 168 -45.81 -2.27 11.74
CA THR A 168 -45.11 -3.36 12.42
C THR A 168 -44.09 -4.09 11.54
N ARG A 169 -43.30 -3.33 10.80
CA ARG A 169 -42.28 -3.91 9.92
C ARG A 169 -41.57 -2.84 9.11
N GLY A 170 -42.19 -1.66 9.02
CA GLY A 170 -41.59 -0.58 8.25
C GLY A 170 -41.60 -0.93 6.78
N ILE A 171 -40.68 -0.34 6.02
CA ILE A 171 -40.58 -0.58 4.59
C ILE A 171 -39.95 -1.96 4.34
N TYR A 172 -40.52 -2.71 3.40
CA TYR A 172 -39.97 -4.01 3.07
C TYR A 172 -40.34 -4.44 1.66
N VAL A 173 -39.61 -5.43 1.15
CA VAL A 173 -39.84 -5.95 -0.19
C VAL A 173 -40.74 -7.19 -0.05
N ASP A 174 -41.95 -7.10 -0.59
CA ASP A 174 -42.89 -8.20 -0.51
C ASP A 174 -42.47 -9.36 -1.40
N GLY A 175 -42.20 -10.50 -0.79
CA GLY A 175 -41.79 -11.67 -1.56
C GLY A 175 -40.29 -11.91 -1.57
N LEU A 176 -39.52 -10.99 -1.00
CA LEU A 176 -38.07 -11.16 -0.94
C LEU A 176 -37.75 -12.32 -0.02
N SER A 177 -36.95 -13.27 -0.50
CA SER A 177 -36.61 -14.44 0.31
C SER A 177 -35.69 -14.07 1.48
N MET A 178 -36.01 -14.64 2.65
CA MET A 178 -35.26 -14.40 3.87
C MET A 178 -34.59 -15.72 4.24
N HIS A 179 -33.30 -15.66 4.59
CA HIS A 179 -32.57 -16.88 4.91
C HIS A 179 -31.92 -16.89 6.29
N ARG A 180 -32.31 -17.87 7.10
CA ARG A 180 -31.74 -17.99 8.44
C ARG A 180 -30.37 -18.63 8.29
N VAL A 181 -29.36 -17.99 8.88
CA VAL A 181 -27.99 -18.48 8.80
C VAL A 181 -27.37 -18.56 10.20
N THR A 182 -26.44 -19.49 10.39
CA THR A 182 -25.80 -19.67 11.69
C THR A 182 -24.28 -19.54 11.66
N THR A 183 -23.71 -19.32 10.48
CA THR A 183 -22.26 -19.16 10.34
C THR A 183 -21.96 -18.13 9.27
N ALA A 184 -20.74 -17.57 9.30
CA ALA A 184 -20.34 -16.59 8.31
C ALA A 184 -20.24 -17.28 6.95
N ALA A 185 -19.88 -18.56 6.95
CA ALA A 185 -19.77 -19.32 5.71
C ALA A 185 -21.13 -19.40 5.02
N GLU A 186 -22.20 -19.56 5.80
CA GLU A 186 -23.54 -19.63 5.23
C GLU A 186 -23.94 -18.28 4.64
N LEU A 187 -23.58 -17.20 5.31
CA LEU A 187 -23.91 -15.87 4.81
C LEU A 187 -23.14 -15.60 3.52
N SER A 188 -21.85 -15.97 3.51
CA SER A 188 -21.04 -15.77 2.33
C SER A 188 -21.56 -16.59 1.15
N ALA A 189 -22.13 -17.75 1.43
CA ALA A 189 -22.66 -18.60 0.37
C ALA A 189 -23.87 -17.92 -0.28
N LEU A 190 -24.65 -17.18 0.51
CA LEU A 190 -25.81 -16.47 -0.04
C LEU A 190 -25.31 -15.36 -0.94
N MET A 191 -24.28 -14.66 -0.49
CA MET A 191 -23.69 -13.57 -1.27
C MET A 191 -23.14 -14.14 -2.58
N ASP A 192 -22.44 -15.27 -2.48
CA ASP A 192 -21.87 -15.91 -3.65
C ASP A 192 -22.95 -16.24 -4.67
N LYS A 193 -24.06 -16.78 -4.19
CA LYS A 193 -25.16 -17.14 -5.07
C LYS A 193 -25.81 -15.91 -5.69
N GLY A 194 -25.89 -14.84 -4.90
CA GLY A 194 -26.48 -13.61 -5.41
C GLY A 194 -25.58 -13.01 -6.48
N PHE A 195 -24.29 -13.00 -6.20
CA PHE A 195 -23.31 -12.45 -7.13
C PHE A 195 -23.37 -13.15 -8.49
N ALA A 196 -23.58 -14.47 -8.44
CA ALA A 196 -23.67 -15.27 -9.67
C ALA A 196 -24.80 -14.80 -10.57
N ASN A 197 -25.82 -14.19 -9.97
CA ASN A 197 -26.97 -13.70 -10.71
C ASN A 197 -26.86 -12.21 -11.04
N ARG A 198 -25.97 -11.52 -10.34
CA ARG A 198 -25.80 -10.09 -10.58
C ARG A 198 -24.96 -9.84 -11.83
N HIS A 199 -23.76 -10.22 -11.84
N SER A 209 -24.67 -3.69 -14.54
CA SER A 209 -24.46 -3.52 -13.07
C SER A 209 -24.04 -2.10 -12.74
N SER A 210 -23.48 -1.39 -13.71
CA SER A 210 -23.04 -0.01 -13.49
C SER A 210 -24.20 0.92 -13.20
N ARG A 211 -25.39 0.56 -13.69
CA ARG A 211 -26.60 1.36 -13.49
C ARG A 211 -27.51 0.80 -12.39
N SER A 212 -27.14 -0.33 -11.82
CA SER A 212 -27.95 -0.95 -10.78
C SER A 212 -27.39 -0.78 -9.37
N HIS A 213 -28.26 -0.91 -8.38
CA HIS A 213 -27.89 -0.80 -6.97
C HIS A 213 -28.06 -2.16 -6.34
N SER A 214 -27.18 -2.53 -5.40
CA SER A 214 -27.37 -3.80 -4.74
C SER A 214 -27.36 -3.58 -3.24
N ILE A 215 -28.18 -4.33 -2.53
CA ILE A 215 -28.25 -4.21 -1.07
C ILE A 215 -28.29 -5.57 -0.41
N PHE A 216 -27.27 -5.88 0.38
CA PHE A 216 -27.29 -7.14 1.12
C PHE A 216 -27.77 -6.74 2.51
N MET A 217 -28.82 -7.39 2.98
CA MET A 217 -29.41 -7.08 4.26
C MET A 217 -29.22 -8.19 5.28
N VAL A 218 -28.83 -7.81 6.49
CA VAL A 218 -28.66 -8.78 7.57
C VAL A 218 -29.48 -8.30 8.75
N ARG A 219 -30.43 -9.13 9.18
CA ARG A 219 -31.28 -8.81 10.32
C ARG A 219 -30.70 -9.57 11.51
N ILE A 220 -30.38 -8.87 12.57
CA ILE A 220 -29.83 -9.52 13.74
C ILE A 220 -30.74 -9.32 14.94
N GLU A 221 -31.36 -10.41 15.39
CA GLU A 221 -32.24 -10.33 16.54
C GLU A 221 -31.54 -10.99 17.69
N CYS A 222 -31.66 -10.40 18.88
CA CYS A 222 -31.03 -10.97 20.05
C CYS A 222 -31.99 -11.02 21.22
N SER A 223 -32.11 -12.21 21.79
CA SER A 223 -32.96 -12.43 22.95
C SER A 223 -31.97 -12.49 24.11
N GLU A 224 -32.02 -11.50 25.00
CA GLU A 224 -31.09 -11.46 26.12
C GLU A 224 -31.79 -11.47 27.46
N VAL A 225 -31.28 -12.29 28.38
CA VAL A 225 -31.88 -12.40 29.71
C VAL A 225 -30.98 -11.78 30.79
N ILE A 226 -31.48 -11.63 31.94
N GLU A 230 -35.83 -12.55 27.44
CA GLU A 230 -36.59 -11.64 28.35
C GLU A 230 -36.68 -10.26 27.71
N VAL A 231 -35.63 -9.88 26.99
CA VAL A 231 -35.57 -8.60 26.30
C VAL A 231 -35.09 -8.87 24.88
N ILE A 232 -35.92 -8.52 23.90
CA ILE A 232 -35.54 -8.75 22.52
C ILE A 232 -35.14 -7.46 21.81
N ARG A 233 -34.00 -7.48 21.13
CA ARG A 233 -33.55 -6.32 20.39
C ARG A 233 -33.31 -6.73 18.95
N VAL A 234 -33.58 -5.83 18.03
CA VAL A 234 -33.41 -6.13 16.61
C VAL A 234 -32.67 -5.01 15.87
N GLY A 235 -31.65 -5.40 15.13
CA GLY A 235 -30.89 -4.44 14.34
C GLY A 235 -30.85 -4.88 12.89
N LYS A 236 -31.07 -3.94 11.98
CA LYS A 236 -31.06 -4.23 10.55
C LYS A 236 -29.83 -3.59 9.91
N LEU A 237 -29.00 -4.42 9.27
CA LEU A 237 -27.80 -3.96 8.59
C LEU A 237 -28.02 -3.95 7.06
N ASN A 238 -27.77 -2.79 6.45
CA ASN A 238 -27.91 -2.63 5.00
C ASN A 238 -26.52 -2.38 4.43
N LEU A 239 -26.07 -3.25 3.54
CA LEU A 239 -24.76 -3.10 2.90
C LEU A 239 -25.07 -2.77 1.45
N VAL A 240 -24.90 -1.50 1.11
CA VAL A 240 -25.24 -0.97 -0.19
C VAL A 240 -24.08 -0.68 -1.14
N ASP A 241 -24.26 -1.11 -2.39
CA ASP A 241 -23.29 -0.90 -3.46
C ASP A 241 -24.12 -0.17 -4.51
N LEU A 242 -24.00 1.17 -4.53
CA LEU A 242 -24.79 1.99 -5.45
C LEU A 242 -24.38 1.96 -6.91
N ALA A 243 -25.31 2.43 -7.74
CA ALA A 243 -25.09 2.55 -9.17
C ALA A 243 -24.04 3.64 -9.34
N GLY A 244 -23.32 3.62 -10.47
CA GLY A 244 -22.30 4.62 -10.71
C GLY A 244 -22.84 6.04 -10.69
N SER A 245 -22.07 6.97 -10.14
CA SER A 245 -22.53 8.35 -10.03
C SER A 245 -22.16 9.27 -11.19
N GLU A 246 -21.32 8.79 -12.09
CA GLU A 246 -20.84 9.61 -13.22
C GLU A 246 -21.85 10.30 -14.12
N ARG A 247 -21.38 11.40 -14.71
CA ARG A 247 -22.14 12.21 -15.65
C ARG A 247 -23.36 12.90 -15.05
N GLN A 248 -24.28 12.17 -14.61
N LYS A 263 -37.46 5.60 -13.90
CA LYS A 263 -36.39 5.54 -14.93
C LYS A 263 -35.14 4.85 -14.37
N ILE A 264 -34.12 4.71 -15.22
CA ILE A 264 -32.86 4.08 -14.83
C ILE A 264 -32.14 4.80 -13.70
N ASN A 265 -32.14 6.13 -13.75
CA ASN A 265 -31.45 6.91 -12.73
C ASN A 265 -32.36 7.59 -11.71
N LEU A 266 -33.63 7.24 -11.71
CA LEU A 266 -34.58 7.84 -10.78
C LEU A 266 -34.12 7.71 -9.33
N SER A 267 -33.70 6.50 -8.93
CA SER A 267 -33.27 6.29 -7.56
C SER A 267 -32.01 7.08 -7.20
N LEU A 268 -31.09 7.19 -8.13
CA LEU A 268 -29.85 7.92 -7.88
C LEU A 268 -30.19 9.40 -7.73
N SER A 269 -31.06 9.88 -8.61
CA SER A 269 -31.49 11.28 -8.58
C SER A 269 -32.23 11.57 -7.27
N ALA A 270 -33.09 10.65 -6.87
CA ALA A 270 -33.86 10.82 -5.64
C ALA A 270 -32.96 10.83 -4.42
N LEU A 271 -31.89 10.02 -4.44
CA LEU A 271 -30.97 9.97 -3.32
C LEU A 271 -30.32 11.34 -3.12
N GLY A 272 -29.93 11.98 -4.22
CA GLY A 272 -29.32 13.29 -4.14
C GLY A 272 -30.28 14.33 -3.61
N LEU A 273 -31.54 14.25 -4.05
CA LEU A 273 -32.55 15.19 -3.61
C LEU A 273 -32.84 15.05 -2.12
N VAL A 274 -32.96 13.79 -1.68
CA VAL A 274 -33.24 13.49 -0.28
C VAL A 274 -32.12 14.03 0.62
N ILE A 275 -30.87 13.85 0.19
CA ILE A 275 -29.74 14.34 0.95
C ILE A 275 -29.78 15.87 1.02
N SER A 276 -30.07 16.49 -0.12
CA SER A 276 -30.16 17.95 -0.18
C SER A 276 -31.27 18.47 0.73
N LYS A 277 -32.44 17.85 0.66
CA LYS A 277 -33.56 18.28 1.49
C LYS A 277 -33.24 18.14 2.97
N LEU A 278 -32.57 17.05 3.33
CA LEU A 278 -32.20 16.82 4.72
C LEU A 278 -31.24 17.89 5.23
N VAL A 279 -30.19 18.16 4.45
CA VAL A 279 -29.20 19.16 4.83
C VAL A 279 -29.80 20.56 4.88
N GLU A 280 -30.78 20.81 4.01
CA GLU A 280 -31.42 22.11 3.96
C GLU A 280 -32.53 22.28 4.99
N GLY A 281 -32.84 21.20 5.72
CA GLY A 281 -33.88 21.26 6.73
C GLY A 281 -35.28 21.45 6.15
N ALA A 282 -35.51 20.86 4.98
CA ALA A 282 -36.81 20.97 4.31
C ALA A 282 -37.92 20.33 5.14
N THR A 283 -39.13 20.88 5.01
CA THR A 283 -40.28 20.37 5.75
C THR A 283 -40.66 18.96 5.30
N HIS A 284 -40.53 18.71 4.01
CA HIS A 284 -40.86 17.40 3.47
C HIS A 284 -39.63 16.74 2.83
N ILE A 285 -39.31 15.53 3.28
CA ILE A 285 -38.18 14.77 2.74
C ILE A 285 -38.80 13.79 1.74
N PRO A 286 -38.48 13.94 0.45
CA PRO A 286 -39.00 13.10 -0.64
C PRO A 286 -38.55 11.64 -0.74
N TYR A 287 -38.64 10.91 0.36
CA TYR A 287 -38.26 9.49 0.38
C TYR A 287 -39.07 8.71 -0.66
N ARG A 288 -40.34 9.06 -0.79
CA ARG A 288 -41.26 8.39 -1.71
C ARG A 288 -40.92 8.51 -3.19
N ASP A 289 -40.02 9.42 -3.55
CA ASP A 289 -39.66 9.62 -4.95
C ASP A 289 -39.03 8.43 -5.65
N SER A 290 -38.48 7.48 -4.90
CA SER A 290 -37.85 6.32 -5.53
C SER A 290 -37.84 5.12 -4.60
N LYS A 291 -37.61 3.93 -5.17
CA LYS A 291 -37.56 2.73 -4.35
C LYS A 291 -36.32 2.73 -3.46
N LEU A 292 -35.23 3.28 -3.97
CA LEU A 292 -33.99 3.33 -3.20
C LEU A 292 -34.14 4.19 -1.96
N THR A 293 -34.69 5.38 -2.11
CA THR A 293 -34.85 6.26 -0.96
C THR A 293 -35.92 5.79 0.03
N ARG A 294 -36.86 4.96 -0.42
CA ARG A 294 -37.85 4.43 0.51
C ARG A 294 -37.15 3.31 1.29
N LEU A 295 -36.43 2.46 0.57
CA LEU A 295 -35.72 1.36 1.22
C LEU A 295 -34.71 1.86 2.25
N LEU A 296 -34.04 2.96 1.94
CA LEU A 296 -33.05 3.52 2.85
C LEU A 296 -33.52 4.74 3.62
N GLN A 297 -34.83 4.93 3.73
CA GLN A 297 -35.35 6.10 4.43
C GLN A 297 -34.83 6.23 5.86
N ASP A 298 -34.69 5.13 6.57
CA ASP A 298 -34.19 5.20 7.94
C ASP A 298 -32.70 5.57 8.00
N SER A 299 -31.93 5.16 6.99
CA SER A 299 -30.50 5.46 6.99
C SER A 299 -30.23 6.91 6.65
N LEU A 300 -31.22 7.59 6.06
CA LEU A 300 -31.07 8.98 5.67
C LEU A 300 -31.87 9.92 6.55
N GLY A 301 -31.29 10.30 7.69
CA GLY A 301 -31.97 11.20 8.61
C GLY A 301 -32.91 10.50 9.57
N GLY A 302 -32.90 9.16 9.55
CA GLY A 302 -33.78 8.41 10.41
C GLY A 302 -33.15 7.58 11.52
N ASN A 303 -33.88 6.54 11.92
CA ASN A 303 -33.44 5.64 12.97
C ASN A 303 -32.36 4.67 12.51
N SER A 304 -31.13 5.17 12.36
CA SER A 304 -30.03 4.33 11.91
C SER A 304 -28.67 5.01 12.02
N LYS A 305 -27.61 4.22 12.15
CA LYS A 305 -26.27 4.75 12.15
C LYS A 305 -25.84 4.49 10.71
N THR A 306 -25.30 5.52 10.06
CA THR A 306 -24.94 5.38 8.66
C THR A 306 -23.55 5.87 8.33
N LEU A 307 -22.91 5.17 7.39
CA LEU A 307 -21.59 5.56 6.93
C LEU A 307 -21.60 5.48 5.41
N MET A 308 -21.09 6.53 4.80
CA MET A 308 -20.98 6.60 3.35
C MET A 308 -19.50 6.48 2.98
N CYS A 309 -19.20 5.59 2.04
CA CYS A 309 -17.82 5.45 1.58
C CYS A 309 -17.80 6.01 0.18
N ALA A 310 -17.12 7.15 -0.01
CA ALA A 310 -17.02 7.76 -1.32
C ALA A 310 -15.76 7.26 -2.01
N ASN A 311 -15.93 6.43 -3.04
CA ASN A 311 -14.82 5.87 -3.80
C ASN A 311 -14.45 6.79 -4.96
N ILE A 312 -13.16 7.07 -5.10
CA ILE A 312 -12.68 7.91 -6.18
C ILE A 312 -11.47 7.32 -6.89
N SER A 313 -11.27 7.76 -8.12
CA SER A 313 -10.14 7.36 -8.94
C SER A 313 -9.13 8.50 -8.77
N PRO A 314 -7.82 8.19 -8.79
CA PRO A 314 -6.79 9.21 -8.63
C PRO A 314 -6.39 9.87 -9.95
N ALA A 315 -6.91 9.33 -11.05
CA ALA A 315 -6.58 9.81 -12.40
C ALA A 315 -6.95 11.24 -12.74
N SER A 316 -6.02 11.94 -13.38
CA SER A 316 -6.24 13.32 -13.80
C SER A 316 -7.44 13.38 -14.74
N THR A 317 -7.61 12.32 -15.52
CA THR A 317 -8.71 12.22 -16.47
C THR A 317 -10.09 12.24 -15.81
N ASN A 318 -10.16 11.89 -14.53
CA ASN A 318 -11.43 11.84 -13.82
C ASN A 318 -11.67 13.01 -12.87
N TYR A 319 -10.90 14.08 -13.04
CA TYR A 319 -11.02 15.25 -12.20
C TYR A 319 -12.46 15.68 -11.92
N ASP A 320 -13.23 15.90 -12.99
CA ASP A 320 -14.61 16.34 -12.85
C ASP A 320 -15.52 15.41 -12.03
N GLU A 321 -15.46 14.11 -12.27
CA GLU A 321 -16.29 13.18 -11.51
C GLU A 321 -15.81 13.07 -10.07
N THR A 322 -14.49 13.12 -9.88
CA THR A 322 -13.94 13.03 -8.53
C THR A 322 -14.41 14.25 -7.74
N MET A 323 -14.37 15.41 -8.37
CA MET A 323 -14.82 16.63 -7.71
C MET A 323 -16.29 16.50 -7.35
N SER A 324 -17.08 15.93 -8.25
CA SER A 324 -18.50 15.75 -8.01
C SER A 324 -18.71 14.81 -6.81
N THR A 325 -18.01 13.69 -6.82
CA THR A 325 -18.14 12.72 -5.73
C THR A 325 -17.78 13.33 -4.38
N LEU A 326 -16.69 14.08 -4.33
CA LEU A 326 -16.24 14.68 -3.08
C LEU A 326 -17.19 15.76 -2.57
N ARG A 327 -17.69 16.59 -3.48
CA ARG A 327 -18.62 17.63 -3.06
C ARG A 327 -19.92 16.98 -2.57
N TYR A 328 -20.30 15.88 -3.20
CA TYR A 328 -21.50 15.13 -2.84
C TYR A 328 -21.33 14.58 -1.42
N ALA A 329 -20.18 13.97 -1.18
CA ALA A 329 -19.85 13.40 0.12
C ALA A 329 -19.76 14.48 1.19
N ASP A 330 -19.24 15.64 0.81
CA ASP A 330 -19.07 16.75 1.73
C ASP A 330 -20.42 17.22 2.26
N ARG A 331 -21.43 17.16 1.40
CA ARG A 331 -22.78 17.56 1.77
C ARG A 331 -23.43 16.51 2.67
N ALA A 332 -23.25 15.24 2.30
CA ALA A 332 -23.82 14.13 3.05
C ALA A 332 -23.38 14.07 4.51
N LYS A 333 -22.17 14.52 4.80
CA LYS A 333 -21.70 14.45 6.19
C LYS A 333 -22.47 15.37 7.13
N GLN A 334 -23.22 16.31 6.57
CA GLN A 334 -24.00 17.25 7.37
C GLN A 334 -25.33 16.65 7.84
N ILE A 335 -25.68 15.47 7.32
CA ILE A 335 -26.92 14.82 7.70
C ILE A 335 -26.87 14.28 9.12
N LYS A 336 -27.90 14.56 9.91
CA LYS A 336 -27.95 14.08 11.26
C LYS A 336 -29.03 13.02 11.39
N ASN A 337 -28.67 11.86 11.93
CA ASN A 337 -29.62 10.78 12.12
C ASN A 337 -30.07 10.77 13.57
N LYS A 338 -31.09 9.96 13.87
CA LYS A 338 -31.60 9.84 15.23
C LYS A 338 -31.70 8.35 15.55
N PRO A 339 -30.55 7.68 15.66
CA PRO A 339 -30.51 6.24 15.96
C PRO A 339 -30.93 5.91 17.38
N ARG A 340 -31.71 4.85 17.51
CA ARG A 340 -32.19 4.39 18.80
C ARG A 340 -32.09 2.87 18.86
N ILE A 341 -31.97 2.32 20.06
CA ILE A 341 -31.91 0.88 20.21
C ILE A 341 -33.32 0.37 19.98
N ASN A 342 -33.45 -0.66 19.14
CA ASN A 342 -34.76 -1.21 18.83
C ASN A 342 -35.11 -2.40 19.71
N GLU A 343 -35.81 -2.13 20.80
CA GLU A 343 -36.20 -3.16 21.75
C GLU A 343 -37.64 -3.64 21.62
N ASP A 344 -37.83 -4.92 21.90
CA ASP A 344 -39.14 -5.56 21.85
C ASP A 344 -40.01 -5.11 20.68
N PRO A 345 -39.50 -5.26 19.44
CA PRO A 345 -40.29 -4.86 18.27
C PRO A 345 -41.37 -5.89 17.98
N LYS A 346 -42.55 -5.42 17.63
CA LYS A 346 -43.69 -6.29 17.32
C LYS A 346 -43.46 -7.10 16.05
N ASP A 347 -42.25 -7.02 15.51
CA ASP A 347 -41.91 -7.73 14.28
C ASP A 347 -40.84 -8.81 14.50
N ALA A 348 -40.31 -8.86 15.73
CA ALA A 348 -39.28 -9.83 16.08
C ALA A 348 -39.65 -11.24 15.66
N GLN A 349 -38.81 -11.87 14.85
CA GLN A 349 -39.05 -13.22 14.37
C GLN A 349 -38.48 -14.29 15.29
N ILE A 350 -37.64 -13.88 16.23
CA ILE A 350 -37.05 -14.82 17.17
C ILE A 350 -38.16 -15.24 18.13
N ASP B 4 21.26 9.74 10.69
CA ASP B 4 21.73 11.04 10.16
C ASP B 4 21.90 11.03 8.64
N ASN B 5 22.93 11.69 8.15
CA ASN B 5 23.17 11.78 6.70
C ASN B 5 23.49 10.46 6.02
N ILE B 6 23.17 10.41 4.73
CA ILE B 6 23.48 9.27 3.90
C ILE B 6 25.00 9.24 3.86
N LYS B 7 25.60 8.06 4.02
CA LYS B 7 27.05 7.94 3.98
C LYS B 7 27.46 7.85 2.51
N VAL B 8 28.60 8.44 2.17
CA VAL B 8 29.07 8.39 0.79
C VAL B 8 30.56 8.13 0.71
N ILE B 9 30.93 7.14 -0.09
CA ILE B 9 32.34 6.81 -0.28
C ILE B 9 32.62 6.83 -1.77
N VAL B 10 33.89 6.97 -2.11
CA VAL B 10 34.31 6.97 -3.50
C VAL B 10 35.36 5.88 -3.69
N ARG B 11 35.23 5.11 -4.76
CA ARG B 11 36.19 4.07 -5.04
C ARG B 11 36.74 4.24 -6.44
N CYS B 12 38.05 4.41 -6.53
CA CYS B 12 38.70 4.56 -7.82
C CYS B 12 39.44 3.27 -8.11
N ARG B 13 39.15 2.66 -9.26
CA ARG B 13 39.79 1.40 -9.64
C ARG B 13 41.09 1.66 -10.39
N PRO B 14 41.88 0.59 -10.63
CA PRO B 14 43.15 0.75 -11.35
C PRO B 14 42.83 1.04 -12.81
N LEU B 15 43.76 1.63 -13.54
CA LEU B 15 43.55 1.86 -14.96
C LEU B 15 43.39 0.47 -15.55
N ASN B 16 42.49 0.31 -16.51
CA ASN B 16 42.28 -1.01 -17.10
C ASN B 16 43.05 -1.19 -18.39
N ALA B 17 42.91 -2.36 -19.01
CA ALA B 17 43.61 -2.67 -20.25
C ALA B 17 43.32 -1.64 -21.35
N ARG B 18 42.04 -1.42 -21.61
CA ARG B 18 41.62 -0.48 -22.64
C ARG B 18 42.24 0.90 -22.46
N GLU B 19 42.10 1.46 -21.27
CA GLU B 19 42.63 2.78 -20.96
C GLU B 19 44.15 2.87 -21.06
N THR B 20 44.83 1.82 -20.64
CA THR B 20 46.29 1.79 -20.68
C THR B 20 46.78 1.77 -22.13
N ARG B 21 46.15 0.95 -22.96
CA ARG B 21 46.53 0.83 -24.37
C ARG B 21 46.18 2.09 -25.16
N GLU B 22 45.19 2.83 -24.69
CA GLU B 22 44.79 4.05 -25.37
C GLU B 22 45.59 5.24 -24.84
N ASN B 23 46.62 4.94 -24.06
CA ASN B 23 47.51 5.94 -23.49
C ASN B 23 46.82 6.96 -22.58
N ALA B 24 45.81 6.52 -21.85
CA ALA B 24 45.11 7.41 -20.94
C ALA B 24 45.99 7.53 -19.69
N LEU B 25 45.96 8.68 -19.05
CA LEU B 25 46.75 8.88 -17.83
C LEU B 25 45.85 8.82 -16.61
N ASN B 26 46.43 8.47 -15.48
CA ASN B 26 45.71 8.38 -14.22
C ASN B 26 45.63 9.81 -13.67
N ILE B 27 44.43 10.38 -13.65
CA ILE B 27 44.25 11.75 -13.19
C ILE B 27 43.63 11.88 -11.81
N ILE B 28 43.62 10.77 -11.06
CA ILE B 28 43.05 10.77 -9.73
C ILE B 28 44.09 10.65 -8.63
N ARG B 29 43.95 11.49 -7.61
CA ARG B 29 44.84 11.43 -6.46
C ARG B 29 43.93 11.40 -5.25
N MET B 30 44.29 10.59 -4.26
CA MET B 30 43.47 10.49 -3.06
C MET B 30 44.29 10.60 -1.80
N ASP B 31 43.64 11.12 -0.75
CA ASP B 31 44.25 11.27 0.56
C ASP B 31 43.25 10.55 1.45
N GLU B 32 43.51 9.28 1.73
CA GLU B 32 42.60 8.50 2.55
C GLU B 32 42.44 9.05 3.95
N ALA B 33 43.53 9.56 4.53
CA ALA B 33 43.48 10.10 5.88
C ALA B 33 42.47 11.23 6.02
N SER B 34 42.32 12.04 4.97
CA SER B 34 41.38 13.16 5.01
C SER B 34 40.13 12.88 4.18
N ALA B 35 40.04 11.65 3.67
CA ALA B 35 38.91 11.22 2.85
C ALA B 35 38.71 12.17 1.66
N GLN B 36 39.81 12.55 1.03
CA GLN B 36 39.74 13.44 -0.11
C GLN B 36 40.07 12.78 -1.43
N VAL B 37 39.35 13.19 -2.47
CA VAL B 37 39.61 12.69 -3.81
C VAL B 37 39.89 13.94 -4.65
N ILE B 38 40.98 13.91 -5.40
CA ILE B 38 41.37 15.03 -6.22
C ILE B 38 41.40 14.64 -7.68
N VAL B 39 40.73 15.45 -8.51
CA VAL B 39 40.69 15.20 -9.94
C VAL B 39 41.55 16.24 -10.63
N ASP B 40 42.62 15.78 -11.30
CA ASP B 40 43.50 16.69 -12.02
C ASP B 40 43.06 16.84 -13.46
N PRO B 41 43.42 17.95 -14.10
CA PRO B 41 43.05 18.18 -15.50
C PRO B 41 43.66 17.13 -16.42
N PRO B 42 42.89 16.65 -17.40
CA PRO B 42 43.37 15.63 -18.35
C PRO B 42 44.43 16.14 -19.31
N GLU B 43 44.96 15.31 -20.08
N PRO B 55 42.62 21.61 -10.71
CA PRO B 55 42.24 20.31 -10.09
C PRO B 55 41.19 20.56 -9.00
N ARG B 56 40.17 19.72 -8.94
CA ARG B 56 39.16 19.91 -7.91
C ARG B 56 39.19 18.82 -6.86
N THR B 57 38.91 19.23 -5.63
CA THR B 57 38.92 18.34 -4.49
C THR B 57 37.52 18.13 -3.90
N PHE B 58 37.24 16.90 -3.49
CA PHE B 58 35.98 16.56 -2.86
C PHE B 58 36.30 15.81 -1.56
N THR B 59 35.45 15.98 -0.57
CA THR B 59 35.64 15.30 0.71
C THR B 59 34.41 14.44 0.95
N PHE B 60 34.64 13.17 1.25
CA PHE B 60 33.54 12.24 1.50
C PHE B 60 33.76 11.55 2.83
N ASP B 61 33.00 10.51 3.12
CA ASP B 61 33.16 9.80 4.39
C ASP B 61 34.40 8.92 4.34
N ALA B 62 34.71 8.43 3.15
CA ALA B 62 35.89 7.60 2.93
C ALA B 62 36.18 7.53 1.45
N VAL B 63 37.45 7.37 1.10
CA VAL B 63 37.84 7.25 -0.29
C VAL B 63 38.75 6.04 -0.40
N TYR B 64 38.66 5.34 -1.51
CA TYR B 64 39.47 4.14 -1.73
C TYR B 64 40.12 4.21 -3.09
N ASP B 65 41.44 4.03 -3.13
CA ASP B 65 42.17 4.07 -4.39
C ASP B 65 42.40 2.68 -4.97
N GLN B 66 43.24 2.62 -6.00
CA GLN B 66 43.53 1.35 -6.67
C GLN B 66 44.12 0.27 -5.77
N THR B 67 44.60 0.65 -4.60
CA THR B 67 45.19 -0.33 -3.69
C THR B 67 44.13 -0.94 -2.76
N SER B 68 42.89 -0.48 -2.89
CA SER B 68 41.83 -1.00 -2.02
C SER B 68 41.37 -2.39 -2.45
N CYS B 69 40.96 -3.19 -1.47
CA CYS B 69 40.45 -4.54 -1.73
C CYS B 69 39.01 -4.59 -1.25
N ASN B 70 38.22 -5.49 -1.84
CA ASN B 70 36.81 -5.62 -1.46
C ASN B 70 36.64 -5.88 0.03
N TYR B 71 37.47 -6.76 0.59
CA TYR B 71 37.38 -7.08 2.00
C TYR B 71 37.62 -5.86 2.88
N GLY B 72 38.59 -5.04 2.50
CA GLY B 72 38.91 -3.84 3.26
C GLY B 72 37.79 -2.82 3.24
N ILE B 73 37.18 -2.63 2.07
CA ILE B 73 36.08 -1.68 1.98
C ILE B 73 34.91 -2.18 2.81
N PHE B 74 34.66 -3.49 2.80
CA PHE B 74 33.56 -4.02 3.59
C PHE B 74 33.79 -3.78 5.08
N GLN B 75 34.97 -4.13 5.58
CA GLN B 75 35.26 -3.96 7.00
C GLN B 75 35.16 -2.52 7.47
N ALA B 76 35.59 -1.58 6.63
CA ALA B 76 35.57 -0.18 7.00
C ALA B 76 34.29 0.59 6.71
N SER B 77 33.70 0.37 5.55
CA SER B 77 32.50 1.12 5.16
C SER B 77 31.18 0.37 5.07
N PHE B 78 31.17 -0.83 4.52
CA PHE B 78 29.92 -1.55 4.39
C PHE B 78 29.41 -2.25 5.65
N LYS B 79 30.32 -2.83 6.44
CA LYS B 79 29.93 -3.57 7.64
C LYS B 79 28.93 -2.87 8.56
N PRO B 80 29.13 -1.57 8.83
CA PRO B 80 28.19 -0.84 9.71
C PRO B 80 26.74 -0.89 9.23
N LEU B 81 26.56 -0.88 7.90
CA LEU B 81 25.22 -0.93 7.33
C LEU B 81 24.59 -2.32 7.50
N ILE B 82 25.43 -3.34 7.57
CA ILE B 82 24.93 -4.70 7.73
C ILE B 82 24.58 -4.90 9.21
N ASP B 83 25.43 -4.36 10.08
CA ASP B 83 25.20 -4.45 11.52
C ASP B 83 23.91 -3.69 11.84
N ALA B 84 23.62 -2.64 11.06
CA ALA B 84 22.40 -1.85 11.27
C ALA B 84 21.15 -2.71 11.04
N VAL B 85 21.17 -3.53 10.00
CA VAL B 85 20.01 -4.37 9.70
C VAL B 85 19.84 -5.45 10.78
N LEU B 86 20.97 -5.94 11.28
CA LEU B 86 20.95 -6.95 12.33
C LEU B 86 20.37 -6.35 13.62
N GLU B 87 20.43 -5.02 13.73
CA GLU B 87 19.91 -4.29 14.90
C GLU B 87 18.43 -3.92 14.80
N GLY B 88 17.86 -4.03 13.60
CA GLY B 88 16.45 -3.69 13.43
C GLY B 88 16.22 -2.48 12.54
N PHE B 89 17.29 -1.96 11.96
CA PHE B 89 17.19 -0.81 11.05
C PHE B 89 17.10 -1.32 9.61
N ASN B 90 16.57 -0.48 8.73
CA ASN B 90 16.53 -0.81 7.32
C ASN B 90 17.86 -0.21 6.85
N SER B 91 18.51 -0.85 5.88
CA SER B 91 19.78 -0.32 5.36
C SER B 91 19.87 -0.55 3.87
N THR B 92 20.51 0.39 3.18
CA THR B 92 20.68 0.27 1.75
C THR B 92 22.09 0.67 1.35
N ILE B 93 22.69 -0.12 0.48
CA ILE B 93 24.02 0.18 -0.03
C ILE B 93 23.82 0.20 -1.53
N PHE B 94 24.17 1.30 -2.18
CA PHE B 94 24.02 1.34 -3.62
C PHE B 94 25.27 1.83 -4.32
N ALA B 95 25.61 1.18 -5.43
CA ALA B 95 26.77 1.54 -6.20
C ALA B 95 26.32 2.39 -7.37
N TYR B 96 27.02 3.50 -7.58
CA TYR B 96 26.70 4.46 -8.63
C TYR B 96 27.96 4.83 -9.43
N GLY B 97 27.81 5.05 -10.73
CA GLY B 97 28.96 5.42 -11.54
C GLY B 97 28.80 5.01 -12.98
N GLN B 98 29.69 5.49 -13.84
CA GLN B 98 29.59 5.16 -15.26
C GLN B 98 29.90 3.69 -15.51
N THR B 99 29.41 3.21 -16.64
CA THR B 99 29.63 1.83 -17.02
C THR B 99 31.14 1.58 -17.07
N GLY B 100 31.54 0.45 -16.52
CA GLY B 100 32.95 0.08 -16.49
C GLY B 100 33.72 0.64 -15.31
N ALA B 101 33.09 1.51 -14.51
CA ALA B 101 33.75 2.12 -13.36
C ALA B 101 34.06 1.16 -12.23
N GLY B 102 33.21 0.15 -12.03
CA GLY B 102 33.46 -0.80 -10.96
C GLY B 102 32.29 -1.13 -10.03
N LYS B 103 31.07 -0.81 -10.43
CA LYS B 103 29.91 -1.08 -9.58
C LYS B 103 29.71 -2.58 -9.31
N THR B 104 29.67 -3.37 -10.37
CA THR B 104 29.47 -4.81 -10.24
C THR B 104 30.65 -5.49 -9.54
N TRP B 105 31.86 -5.05 -9.85
CA TRP B 105 33.03 -5.62 -9.20
C TRP B 105 32.95 -5.33 -7.71
N THR B 106 32.53 -4.11 -7.37
CA THR B 106 32.41 -3.71 -5.97
C THR B 106 31.28 -4.42 -5.25
N MET B 107 30.14 -4.58 -5.92
CA MET B 107 29.00 -5.22 -5.29
C MET B 107 29.05 -6.75 -5.30
N GLY B 108 29.57 -7.32 -6.38
CA GLY B 108 29.64 -8.77 -6.47
C GLY B 108 31.02 -9.38 -6.37
N GLY B 109 32.01 -8.73 -6.98
CA GLY B 109 33.37 -9.26 -6.96
C GLY B 109 33.35 -10.62 -7.65
N ASN B 110 34.23 -11.51 -7.21
CA ASN B 110 34.27 -12.86 -7.76
C ASN B 110 34.60 -13.84 -6.64
N LYS B 111 34.72 -15.12 -6.98
CA LYS B 111 35.03 -16.14 -5.98
C LYS B 111 36.30 -15.84 -5.20
N GLU B 112 37.33 -15.40 -5.90
CA GLU B 112 38.62 -15.09 -5.29
C GLU B 112 38.53 -13.87 -4.38
N GLU B 113 37.80 -12.85 -4.82
CA GLU B 113 37.66 -11.63 -4.04
C GLU B 113 36.20 -11.19 -4.00
N PRO B 114 35.39 -11.80 -3.12
CA PRO B 114 33.98 -11.46 -3.00
C PRO B 114 33.72 -9.98 -2.76
N GLY B 115 32.64 -9.49 -3.37
CA GLY B 115 32.26 -8.09 -3.23
C GLY B 115 31.35 -7.85 -2.04
N ALA B 116 30.75 -6.68 -2.01
CA ALA B 116 29.88 -6.29 -0.89
C ALA B 116 28.73 -7.25 -0.60
N ILE B 117 28.07 -7.74 -1.64
CA ILE B 117 26.93 -8.64 -1.47
C ILE B 117 27.32 -9.94 -0.77
N PRO B 118 28.25 -10.72 -1.36
CA PRO B 118 28.61 -11.97 -0.66
C PRO B 118 29.24 -11.73 0.71
N ASN B 119 30.00 -10.63 0.86
CA ASN B 119 30.59 -10.34 2.17
C ASN B 119 29.50 -10.04 3.19
N SER B 120 28.41 -9.43 2.72
CA SER B 120 27.30 -9.12 3.61
C SER B 120 26.63 -10.43 4.04
N PHE B 121 26.49 -11.36 3.10
CA PHE B 121 25.87 -12.66 3.39
C PHE B 121 26.67 -13.36 4.49
N LYS B 122 27.99 -13.41 4.30
CA LYS B 122 28.86 -14.06 5.26
C LYS B 122 28.76 -13.38 6.62
N HIS B 123 28.84 -12.06 6.61
CA HIS B 123 28.77 -11.31 7.85
C HIS B 123 27.46 -11.49 8.61
N LEU B 124 26.35 -11.47 7.88
CA LEU B 124 25.03 -11.63 8.48
C LEU B 124 24.92 -12.91 9.30
N PHE B 125 25.28 -14.02 8.68
CA PHE B 125 25.21 -15.30 9.37
C PHE B 125 26.29 -15.50 10.41
N ASP B 126 27.41 -14.81 10.27
CA ASP B 126 28.47 -14.91 11.26
C ASP B 126 27.92 -14.27 12.53
N ALA B 127 27.23 -13.14 12.37
CA ALA B 127 26.64 -12.43 13.51
C ALA B 127 25.51 -13.27 14.11
N ILE B 128 24.68 -13.84 13.25
CA ILE B 128 23.56 -14.67 13.71
C ILE B 128 24.06 -15.89 14.48
N ASN B 129 25.11 -16.51 13.96
CA ASN B 129 25.68 -17.70 14.60
C ASN B 129 26.30 -17.37 15.95
N SER B 130 26.77 -16.13 16.10
CA SER B 130 27.41 -15.69 17.33
C SER B 130 26.44 -15.11 18.35
N SER B 131 25.16 -15.05 18.00
CA SER B 131 24.16 -14.50 18.89
C SER B 131 23.73 -15.50 19.96
N SER B 132 23.26 -14.98 21.09
CA SER B 132 22.81 -15.85 22.17
C SER B 132 21.67 -16.71 21.64
N SER B 133 21.53 -17.92 22.17
CA SER B 133 20.47 -18.81 21.72
C SER B 133 19.10 -18.30 22.16
N ASN B 134 19.08 -17.13 22.79
CA ASN B 134 17.82 -16.54 23.25
C ASN B 134 17.22 -15.67 22.14
N GLN B 135 17.74 -15.80 20.93
CA GLN B 135 17.26 -15.01 19.81
C GLN B 135 17.05 -15.86 18.57
N ASN B 136 15.88 -15.75 17.97
CA ASN B 136 15.54 -16.49 16.76
C ASN B 136 15.55 -15.55 15.56
N PHE B 137 16.24 -15.96 14.50
CA PHE B 137 16.31 -15.14 13.30
C PHE B 137 15.63 -15.79 12.11
N LEU B 138 15.07 -14.96 11.24
CA LEU B 138 14.42 -15.43 10.03
C LEU B 138 15.10 -14.61 8.95
N VAL B 139 15.71 -15.26 7.98
CA VAL B 139 16.39 -14.57 6.89
C VAL B 139 15.76 -14.93 5.57
N ILE B 140 15.28 -13.92 4.85
CA ILE B 140 14.64 -14.12 3.57
C ILE B 140 15.33 -13.32 2.47
N GLY B 141 15.68 -14.00 1.39
CA GLY B 141 16.35 -13.35 0.28
C GLY B 141 15.50 -13.23 -0.97
N SER B 142 15.75 -12.17 -1.73
CA SER B 142 15.03 -11.90 -2.97
C SER B 142 16.01 -11.20 -3.90
N TYR B 143 15.79 -11.28 -5.21
CA TYR B 143 16.70 -10.68 -6.16
C TYR B 143 15.93 -10.26 -7.40
N LEU B 144 16.01 -8.97 -7.73
CA LEU B 144 15.27 -8.46 -8.88
C LEU B 144 16.14 -7.60 -9.79
N GLU B 145 15.67 -7.43 -11.02
CA GLU B 145 16.35 -6.60 -11.98
C GLU B 145 15.28 -5.63 -12.47
N LEU B 146 15.66 -4.36 -12.58
CA LEU B 146 14.74 -3.33 -13.05
C LEU B 146 15.29 -2.82 -14.38
N TYR B 147 14.52 -3.00 -15.44
CA TYR B 147 14.93 -2.56 -16.77
C TYR B 147 13.71 -2.04 -17.54
N ASN B 148 13.86 -0.87 -18.16
CA ASN B 148 12.79 -0.26 -18.93
C ASN B 148 11.52 -0.18 -18.08
N GLU B 149 11.70 0.15 -16.80
CA GLU B 149 10.61 0.27 -15.84
C GLU B 149 9.82 -1.02 -15.64
N GLU B 150 10.47 -2.14 -15.91
CA GLU B 150 9.87 -3.46 -15.74
C GLU B 150 10.71 -4.25 -14.74
N ILE B 151 10.05 -4.90 -13.80
CA ILE B 151 10.74 -5.68 -12.78
C ILE B 151 10.76 -7.17 -13.10
N ARG B 152 11.94 -7.75 -13.07
CA ARG B 152 12.10 -9.17 -13.35
C ARG B 152 12.66 -9.87 -12.11
N ASP B 153 12.08 -11.03 -11.78
CA ASP B 153 12.54 -11.82 -10.64
C ASP B 153 13.76 -12.56 -11.20
N LEU B 154 14.94 -12.25 -10.69
CA LEU B 154 16.15 -12.91 -11.21
C LEU B 154 16.31 -14.36 -10.79
N ILE B 155 15.50 -14.80 -9.83
CA ILE B 155 15.58 -16.20 -9.40
C ILE B 155 14.63 -17.08 -10.21
N LYS B 156 13.37 -16.70 -10.27
CA LYS B 156 12.39 -17.47 -11.04
C LYS B 156 12.29 -17.03 -12.49
N ASN B 157 12.90 -15.89 -12.79
CA ASN B 157 12.89 -15.34 -14.14
C ASN B 157 11.48 -14.97 -14.60
N ASN B 158 10.65 -14.53 -13.66
CA ASN B 158 9.29 -14.10 -13.98
C ASN B 158 9.43 -12.63 -14.34
N THR B 159 8.69 -12.19 -15.35
CA THR B 159 8.79 -10.81 -15.81
C THR B 159 7.56 -9.94 -15.55
N LYS B 160 7.73 -8.64 -15.79
CA LYS B 160 6.64 -7.67 -15.62
C LYS B 160 5.96 -7.72 -14.26
N LEU B 161 6.72 -7.93 -13.19
CA LEU B 161 6.12 -7.98 -11.87
C LEU B 161 5.68 -6.58 -11.45
N PRO B 162 4.43 -6.45 -10.98
CA PRO B 162 3.88 -5.16 -10.55
C PRO B 162 4.37 -4.74 -9.17
N LEU B 163 4.42 -3.43 -8.97
CA LEU B 163 4.84 -2.86 -7.70
C LEU B 163 3.58 -2.53 -6.91
N LYS B 164 3.46 -3.09 -5.72
CA LYS B 164 2.30 -2.84 -4.86
C LYS B 164 2.76 -2.19 -3.56
N GLU B 165 1.82 -1.64 -2.81
CA GLU B 165 2.18 -0.98 -1.57
C GLU B 165 1.02 -0.89 -0.59
N ASP B 166 1.30 -1.21 0.67
CA ASP B 166 0.28 -1.11 1.72
C ASP B 166 0.98 -0.61 2.98
N LYS B 167 0.20 -0.24 3.99
CA LYS B 167 0.76 0.29 5.23
C LYS B 167 1.40 -0.73 6.17
N THR B 168 1.10 -2.01 5.97
CA THR B 168 1.64 -3.06 6.82
C THR B 168 2.83 -3.77 6.18
N ARG B 169 3.16 -3.40 4.95
CA ARG B 169 4.25 -4.04 4.23
C ARG B 169 5.10 -3.03 3.47
N GLY B 170 4.58 -1.82 3.31
CA GLY B 170 5.29 -0.80 2.58
C GLY B 170 5.31 -1.18 1.11
N ILE B 171 6.28 -0.67 0.36
CA ILE B 171 6.40 -0.97 -1.05
C ILE B 171 6.96 -2.38 -1.21
N TYR B 172 6.38 -3.15 -2.13
CA TYR B 172 6.86 -4.50 -2.38
C TYR B 172 6.55 -4.93 -3.81
N VAL B 173 7.27 -5.93 -4.29
CA VAL B 173 7.06 -6.42 -5.64
C VAL B 173 6.11 -7.61 -5.59
N ASP B 174 4.93 -7.45 -6.19
CA ASP B 174 3.92 -8.50 -6.19
C ASP B 174 4.36 -9.69 -7.04
N GLY B 175 4.46 -10.86 -6.41
CA GLY B 175 4.85 -12.05 -7.13
C GLY B 175 6.33 -12.36 -7.07
N LEU B 176 7.11 -11.46 -6.48
CA LEU B 176 8.55 -11.68 -6.36
C LEU B 176 8.81 -12.84 -5.41
N SER B 177 9.58 -13.83 -5.86
CA SER B 177 9.85 -14.97 -5.00
C SER B 177 10.71 -14.60 -3.80
N MET B 178 10.34 -15.15 -2.65
CA MET B 178 11.05 -14.92 -1.39
C MET B 178 11.64 -16.25 -0.99
N HIS B 179 12.90 -16.25 -0.57
CA HIS B 179 13.55 -17.49 -0.20
C HIS B 179 14.11 -17.48 1.22
N ARG B 180 13.59 -18.38 2.05
CA ARG B 180 14.08 -18.47 3.42
C ARG B 180 15.42 -19.19 3.36
N VAL B 181 16.42 -18.62 4.02
CA VAL B 181 17.76 -19.20 4.05
C VAL B 181 18.29 -19.26 5.47
N THR B 182 19.18 -20.21 5.72
CA THR B 182 19.77 -20.37 7.05
C THR B 182 21.29 -20.36 7.02
N THR B 183 21.85 -20.14 5.82
CA THR B 183 23.30 -20.10 5.68
C THR B 183 23.70 -19.06 4.62
N ALA B 184 24.94 -18.60 4.71
CA ALA B 184 25.47 -17.63 3.75
C ALA B 184 25.57 -18.30 2.38
N ALA B 185 25.95 -19.58 2.39
CA ALA B 185 26.07 -20.35 1.16
C ALA B 185 24.76 -20.32 0.36
N GLU B 186 23.64 -20.43 1.07
CA GLU B 186 22.33 -20.41 0.43
C GLU B 186 22.07 -19.07 -0.25
N LEU B 187 22.40 -17.98 0.43
CA LEU B 187 22.20 -16.67 -0.16
C LEU B 187 23.10 -16.53 -1.37
N SER B 188 24.35 -16.97 -1.25
CA SER B 188 25.28 -16.89 -2.38
C SER B 188 24.79 -17.72 -3.56
N ALA B 189 24.11 -18.83 -3.28
CA ALA B 189 23.59 -19.68 -4.33
C ALA B 189 22.49 -18.95 -5.11
N LEU B 190 21.69 -18.16 -4.40
CA LEU B 190 20.63 -17.40 -5.05
C LEU B 190 21.23 -16.31 -5.93
N MET B 191 22.28 -15.68 -5.43
CA MET B 191 22.96 -14.62 -6.18
C MET B 191 23.53 -15.21 -7.47
N ASP B 192 24.22 -16.35 -7.35
CA ASP B 192 24.80 -17.02 -8.51
C ASP B 192 23.72 -17.33 -9.55
N LYS B 193 22.58 -17.82 -9.07
CA LYS B 193 21.46 -18.17 -9.95
C LYS B 193 20.95 -16.92 -10.67
N GLY B 194 20.69 -15.87 -9.90
CA GLY B 194 20.19 -14.64 -10.49
C GLY B 194 21.20 -14.01 -11.44
N PHE B 195 22.46 -13.97 -11.02
CA PHE B 195 23.52 -13.39 -11.84
C PHE B 195 23.54 -14.04 -13.21
N ALA B 196 23.33 -15.35 -13.24
CA ALA B 196 23.33 -16.12 -14.49
C ALA B 196 22.15 -15.73 -15.37
N ASN B 197 21.04 -15.31 -14.76
CA ASN B 197 19.86 -14.91 -15.51
C ASN B 197 19.92 -13.43 -15.87
N ARG B 198 20.80 -12.69 -15.21
CA ARG B 198 20.94 -11.26 -15.46
C ARG B 198 21.62 -11.02 -16.80
N HIS B 199 21.78 -9.85 -17.18
N SER B 209 22.30 -4.35 -20.40
CA SER B 209 22.62 -4.63 -18.97
C SER B 209 23.16 -3.39 -18.27
N SER B 210 23.84 -2.54 -19.04
CA SER B 210 24.39 -1.31 -18.50
C SER B 210 23.25 -0.33 -18.22
N ARG B 211 22.08 -0.63 -18.76
CA ARG B 211 20.89 0.20 -18.59
C ARG B 211 19.97 -0.33 -17.50
N SER B 212 20.29 -1.49 -16.96
CA SER B 212 19.46 -2.10 -15.92
C SER B 212 20.00 -1.89 -14.50
N HIS B 213 19.11 -2.02 -13.53
CA HIS B 213 19.46 -1.88 -12.12
C HIS B 213 19.17 -3.24 -11.50
N SER B 214 19.92 -3.63 -10.49
CA SER B 214 19.64 -4.89 -9.82
C SER B 214 19.61 -4.64 -8.32
N ILE B 215 18.74 -5.34 -7.63
CA ILE B 215 18.64 -5.18 -6.19
C ILE B 215 18.54 -6.52 -5.50
N PHE B 216 19.53 -6.84 -4.66
CA PHE B 216 19.44 -8.07 -3.92
C PHE B 216 18.91 -7.61 -2.57
N MET B 217 17.82 -8.24 -2.13
CA MET B 217 17.18 -7.86 -0.88
C MET B 217 17.24 -8.96 0.15
N VAL B 218 17.57 -8.59 1.38
CA VAL B 218 17.60 -9.56 2.47
C VAL B 218 16.84 -8.99 3.64
N ARG B 219 15.83 -9.72 4.07
CA ARG B 219 15.00 -9.31 5.19
C ARG B 219 15.50 -10.07 6.41
N ILE B 220 15.74 -9.36 7.50
CA ILE B 220 16.23 -10.02 8.71
C ILE B 220 15.30 -9.74 9.88
N GLU B 221 14.62 -10.79 10.33
CA GLU B 221 13.71 -10.66 11.47
C GLU B 221 14.35 -11.32 12.67
N CYS B 222 14.32 -10.65 13.80
CA CYS B 222 14.89 -11.20 15.03
C CYS B 222 13.82 -11.23 16.10
N SER B 223 13.57 -12.43 16.61
CA SER B 223 12.58 -12.63 17.65
C SER B 223 13.25 -12.98 18.97
N GLU B 224 12.78 -12.36 20.05
CA GLU B 224 13.33 -12.61 21.37
C GLU B 224 12.13 -12.75 22.31
N VAL B 225 11.88 -13.96 22.79
CA VAL B 225 10.75 -14.21 23.69
C VAL B 225 11.19 -14.76 25.03
N ILE B 226 10.90 -14.03 26.09
CA ILE B 226 11.21 -14.45 27.46
C ILE B 226 9.89 -14.27 28.21
N GLU B 227 8.99 -15.23 28.01
CA GLU B 227 7.68 -15.18 28.63
C GLU B 227 7.66 -15.32 30.15
N ASN B 228 6.56 -15.22 30.72
N LYS B 229 6.90 -12.88 26.93
CA LYS B 229 7.31 -11.50 26.53
C LYS B 229 8.04 -11.55 25.20
N GLU B 230 7.36 -11.17 24.12
CA GLU B 230 7.97 -11.20 22.81
C GLU B 230 8.31 -9.83 22.24
N VAL B 231 9.48 -9.74 21.61
CA VAL B 231 9.92 -8.52 20.98
C VAL B 231 10.50 -8.93 19.62
N ILE B 232 9.97 -8.36 18.56
CA ILE B 232 10.44 -8.67 17.21
C ILE B 232 10.97 -7.41 16.55
N ARG B 233 12.13 -7.56 15.90
CA ARG B 233 12.78 -6.46 15.19
C ARG B 233 12.94 -6.93 13.75
N VAL B 234 12.64 -6.05 12.78
CA VAL B 234 12.78 -6.42 11.38
C VAL B 234 13.57 -5.35 10.63
N GLY B 235 14.56 -5.80 9.87
CA GLY B 235 15.37 -4.87 9.10
C GLY B 235 15.44 -5.34 7.66
N LYS B 236 15.26 -4.42 6.73
CA LYS B 236 15.33 -4.77 5.32
C LYS B 236 16.60 -4.21 4.71
N LEU B 237 17.40 -5.08 4.12
CA LEU B 237 18.66 -4.68 3.48
C LEU B 237 18.51 -4.70 1.98
N ASN B 238 18.89 -3.59 1.33
CA ASN B 238 18.85 -3.49 -0.12
C ASN B 238 20.30 -3.32 -0.59
N LEU B 239 20.75 -4.21 -1.47
CA LEU B 239 22.09 -4.14 -2.03
C LEU B 239 21.85 -3.82 -3.49
N VAL B 240 22.08 -2.56 -3.84
CA VAL B 240 21.79 -2.05 -5.17
C VAL B 240 22.96 -1.81 -6.12
N ASP B 241 22.83 -2.31 -7.34
CA ASP B 241 23.84 -2.15 -8.38
C ASP B 241 23.12 -1.38 -9.48
N LEU B 242 23.28 -0.06 -9.49
CA LEU B 242 22.60 0.80 -10.45
C LEU B 242 23.08 0.74 -11.89
N ALA B 243 22.21 1.19 -12.79
CA ALA B 243 22.52 1.26 -14.21
C ALA B 243 23.60 2.33 -14.37
N GLY B 244 24.38 2.23 -15.45
CA GLY B 244 25.44 3.21 -15.69
C GLY B 244 24.94 4.64 -15.75
N SER B 245 25.69 5.55 -15.13
CA SER B 245 25.33 6.96 -15.07
C SER B 245 25.78 7.84 -16.24
N GLU B 246 26.60 7.30 -17.15
CA GLU B 246 27.11 8.09 -18.27
C GLU B 246 26.02 8.71 -19.14
N ARG B 247 26.35 9.82 -19.80
CA ARG B 247 25.40 10.49 -20.68
C ARG B 247 25.11 9.63 -21.89
N GLN B 248 24.08 9.86 -22.55
N LYS B 263 10.21 4.12 -19.95
CA LYS B 263 11.49 4.76 -20.39
C LYS B 263 12.70 4.05 -19.80
N ILE B 264 13.70 3.81 -20.63
CA ILE B 264 14.91 3.12 -20.21
C ILE B 264 15.67 3.83 -19.08
N ASN B 265 15.69 5.17 -19.12
CA ASN B 265 16.42 5.94 -18.12
C ASN B 265 15.56 6.72 -17.13
N LEU B 266 14.26 6.42 -17.11
CA LEU B 266 13.34 7.10 -16.21
C LEU B 266 13.71 6.97 -14.72
N SER B 267 14.07 5.76 -14.30
CA SER B 267 14.44 5.55 -12.90
C SER B 267 15.70 6.29 -12.53
N LEU B 268 16.67 6.31 -13.44
CA LEU B 268 17.93 7.01 -13.20
C LEU B 268 17.66 8.50 -13.12
N SER B 269 16.79 8.99 -13.99
CA SER B 269 16.44 10.41 -14.01
C SER B 269 15.68 10.80 -12.73
N ALA B 270 14.76 9.94 -12.32
CA ALA B 270 13.98 10.19 -11.11
C ALA B 270 14.85 10.17 -9.87
N LEU B 271 15.89 9.33 -9.88
CA LEU B 271 16.78 9.26 -8.74
C LEU B 271 17.45 10.61 -8.53
N GLY B 272 17.95 11.20 -9.61
CA GLY B 272 18.61 12.50 -9.52
C GLY B 272 17.67 13.58 -9.05
N LEU B 273 16.43 13.56 -9.56
CA LEU B 273 15.44 14.55 -9.17
C LEU B 273 15.11 14.41 -7.69
N VAL B 274 14.91 13.17 -7.25
CA VAL B 274 14.58 12.91 -5.85
C VAL B 274 15.69 13.40 -4.93
N ILE B 275 16.94 13.13 -5.29
CA ILE B 275 18.06 13.58 -4.48
C ILE B 275 18.08 15.10 -4.42
N SER B 276 17.89 15.76 -5.55
CA SER B 276 17.89 17.22 -5.58
C SER B 276 16.77 17.81 -4.74
N LYS B 277 15.57 17.23 -4.84
CA LYS B 277 14.43 17.71 -4.07
C LYS B 277 14.70 17.59 -2.58
N LEU B 278 15.32 16.49 -2.18
CA LEU B 278 15.64 16.27 -0.78
C LEU B 278 16.65 17.31 -0.29
N VAL B 279 17.74 17.47 -1.04
CA VAL B 279 18.77 18.43 -0.69
C VAL B 279 18.26 19.85 -0.66
N GLU B 280 17.35 20.16 -1.59
CA GLU B 280 16.79 21.49 -1.69
C GLU B 280 15.67 21.76 -0.68
N GLY B 281 15.33 20.74 0.10
CA GLY B 281 14.29 20.88 1.11
C GLY B 281 12.88 21.01 0.57
N ALA B 282 12.62 20.37 -0.57
CA ALA B 282 11.29 20.42 -1.17
C ALA B 282 10.25 19.81 -0.24
N THR B 283 9.02 20.31 -0.32
CA THR B 283 7.94 19.81 0.51
C THR B 283 7.45 18.45 0.01
N HIS B 284 7.44 18.28 -1.30
CA HIS B 284 6.99 17.04 -1.91
C HIS B 284 8.12 16.37 -2.69
N ILE B 285 8.48 15.16 -2.28
CA ILE B 285 9.53 14.39 -2.93
C ILE B 285 8.86 13.44 -3.93
N PRO B 286 9.20 13.57 -5.22
CA PRO B 286 8.64 12.75 -6.31
C PRO B 286 9.08 11.29 -6.40
N TYR B 287 8.95 10.57 -5.29
CA TYR B 287 9.33 9.15 -5.25
C TYR B 287 8.56 8.35 -6.31
N ARG B 288 7.29 8.69 -6.50
CA ARG B 288 6.46 7.96 -7.45
C ARG B 288 6.79 8.13 -8.93
N ASP B 289 7.75 8.98 -9.24
CA ASP B 289 8.11 9.20 -10.65
C ASP B 289 8.72 7.99 -11.34
N SER B 290 9.24 7.03 -10.57
CA SER B 290 9.83 5.84 -11.17
C SER B 290 9.75 4.65 -10.22
N LYS B 291 10.01 3.46 -10.77
CA LYS B 291 9.97 2.25 -9.97
C LYS B 291 11.14 2.22 -9.00
N LEU B 292 12.30 2.68 -9.45
CA LEU B 292 13.48 2.68 -8.60
C LEU B 292 13.31 3.55 -7.36
N THR B 293 12.83 4.77 -7.55
CA THR B 293 12.65 5.68 -6.42
C THR B 293 11.52 5.27 -5.47
N ARG B 294 10.59 4.45 -5.94
CA ARG B 294 9.53 3.98 -5.05
C ARG B 294 10.15 2.86 -4.21
N LEU B 295 10.90 1.97 -4.87
CA LEU B 295 11.54 0.85 -4.17
C LEU B 295 12.54 1.34 -3.14
N LEU B 296 13.21 2.44 -3.44
CA LEU B 296 14.23 2.98 -2.53
C LEU B 296 13.77 4.23 -1.79
N GLN B 297 12.47 4.47 -1.74
CA GLN B 297 11.95 5.66 -1.06
C GLN B 297 12.45 5.81 0.38
N ASP B 298 12.48 4.72 1.14
CA ASP B 298 12.96 4.82 2.52
C ASP B 298 14.46 5.12 2.60
N SER B 299 15.24 4.58 1.66
CA SER B 299 16.68 4.82 1.68
C SER B 299 17.00 6.25 1.30
N LEU B 300 16.05 6.92 0.66
CA LEU B 300 16.27 8.30 0.23
C LEU B 300 15.51 9.31 1.07
N GLY B 301 16.08 9.67 2.22
CA GLY B 301 15.44 10.63 3.09
C GLY B 301 14.42 10.02 4.04
N GLY B 302 14.34 8.70 4.03
CA GLY B 302 13.37 8.03 4.88
C GLY B 302 13.89 7.17 6.02
N ASN B 303 13.09 6.17 6.38
CA ASN B 303 13.38 5.26 7.48
C ASN B 303 14.42 4.21 7.09
N SER B 304 15.70 4.62 7.08
CA SER B 304 16.75 3.69 6.71
C SER B 304 18.13 4.34 6.81
N LYS B 305 19.15 3.50 6.98
CA LYS B 305 20.53 4.00 7.00
C LYS B 305 20.96 3.68 5.58
N THR B 306 21.66 4.62 4.96
CA THR B 306 22.05 4.43 3.58
C THR B 306 23.49 4.80 3.30
N LEU B 307 24.11 4.07 2.38
CA LEU B 307 25.47 4.37 1.97
C LEU B 307 25.54 4.27 0.46
N MET B 308 26.16 5.27 -0.15
CA MET B 308 26.32 5.31 -1.59
C MET B 308 27.79 5.10 -1.91
N CYS B 309 28.07 4.20 -2.85
CA CYS B 309 29.46 3.98 -3.27
C CYS B 309 29.57 4.55 -4.67
N ALA B 310 30.34 5.62 -4.82
CA ALA B 310 30.51 6.25 -6.12
C ALA B 310 31.76 5.66 -6.75
N ASN B 311 31.56 4.83 -7.77
CA ASN B 311 32.67 4.20 -8.47
C ASN B 311 33.15 5.08 -9.61
N ILE B 312 34.46 5.26 -9.71
CA ILE B 312 35.03 6.06 -10.78
C ILE B 312 36.24 5.40 -11.43
N SER B 313 36.49 5.82 -12.67
CA SER B 313 37.65 5.34 -13.43
C SER B 313 38.69 6.45 -13.24
N PRO B 314 39.98 6.08 -13.19
CA PRO B 314 41.04 7.08 -13.02
C PRO B 314 41.52 7.68 -14.34
N ALA B 315 41.01 7.14 -15.45
CA ALA B 315 41.41 7.57 -16.79
C ALA B 315 41.10 9.01 -17.18
N SER B 316 42.09 9.66 -17.76
CA SER B 316 41.97 11.04 -18.21
C SER B 316 40.83 11.16 -19.21
N THR B 317 40.62 10.10 -20.00
CA THR B 317 39.56 10.09 -20.99
C THR B 317 38.16 10.14 -20.40
N ASN B 318 38.05 9.86 -19.11
CA ASN B 318 36.75 9.87 -18.44
C ASN B 318 36.52 11.06 -17.51
N TYR B 319 37.33 12.10 -17.66
CA TYR B 319 37.23 13.28 -16.82
C TYR B 319 35.82 13.83 -16.62
N ASP B 320 35.11 14.05 -17.71
CA ASP B 320 33.75 14.60 -17.61
C ASP B 320 32.79 13.72 -16.83
N GLU B 321 32.78 12.42 -17.08
CA GLU B 321 31.89 11.52 -16.36
C GLU B 321 32.30 11.39 -14.90
N THR B 322 33.61 11.39 -14.64
CA THR B 322 34.11 11.27 -13.28
C THR B 322 33.67 12.48 -12.48
N MET B 323 33.79 13.66 -13.08
CA MET B 323 33.37 14.88 -12.41
C MET B 323 31.87 14.84 -12.12
N SER B 324 31.10 14.28 -13.06
CA SER B 324 29.65 14.18 -12.88
C SER B 324 29.33 13.26 -11.71
N THR B 325 29.97 12.10 -11.69
CA THR B 325 29.76 11.14 -10.61
C THR B 325 30.09 11.76 -9.25
N LEU B 326 31.23 12.44 -9.17
CA LEU B 326 31.64 13.04 -7.90
C LEU B 326 30.72 14.16 -7.43
N ARG B 327 30.27 15.00 -8.35
CA ARG B 327 29.37 16.08 -7.97
C ARG B 327 28.03 15.51 -7.53
N TYR B 328 27.62 14.43 -8.19
CA TYR B 328 26.37 13.76 -7.88
C TYR B 328 26.45 13.19 -6.46
N ALA B 329 27.57 12.55 -6.16
CA ALA B 329 27.79 11.97 -4.83
C ALA B 329 27.88 13.05 -3.75
N ASP B 330 28.45 14.20 -4.12
CA ASP B 330 28.60 15.31 -3.19
C ASP B 330 27.21 15.78 -2.74
N ARG B 331 26.28 15.82 -3.68
CA ARG B 331 24.90 16.21 -3.40
C ARG B 331 24.21 15.19 -2.50
N ALA B 332 24.32 13.92 -2.87
CA ALA B 332 23.70 12.85 -2.10
C ALA B 332 24.12 12.87 -0.64
N LYS B 333 25.37 13.24 -0.41
CA LYS B 333 25.94 13.32 0.92
C LYS B 333 25.17 14.27 1.85
N GLN B 334 24.49 15.25 1.26
CA GLN B 334 23.75 16.22 2.05
C GLN B 334 22.38 15.73 2.50
N ILE B 335 21.97 14.55 2.02
CA ILE B 335 20.67 14.00 2.39
C ILE B 335 20.65 13.45 3.83
N LYS B 336 19.62 13.83 4.58
CA LYS B 336 19.47 13.35 5.94
C LYS B 336 18.31 12.38 6.04
N ASN B 337 18.58 11.19 6.56
CA ASN B 337 17.54 10.18 6.71
C ASN B 337 17.01 10.21 8.14
N LYS B 338 15.94 9.44 8.37
CA LYS B 338 15.33 9.37 9.69
C LYS B 338 15.21 7.89 10.06
N PRO B 339 16.35 7.19 10.21
CA PRO B 339 16.34 5.77 10.56
C PRO B 339 15.80 5.49 11.95
N ARG B 340 14.97 4.47 12.06
CA ARG B 340 14.40 4.09 13.35
C ARG B 340 14.36 2.58 13.46
N ILE B 341 14.48 2.06 14.67
CA ILE B 341 14.42 0.63 14.88
C ILE B 341 12.99 0.20 14.58
N ASN B 342 12.84 -0.86 13.78
CA ASN B 342 11.52 -1.34 13.43
C ASN B 342 11.11 -2.48 14.34
N GLU B 343 10.35 -2.15 15.38
CA GLU B 343 9.89 -3.14 16.35
C GLU B 343 8.44 -3.56 16.14
N ASP B 344 8.17 -4.83 16.47
CA ASP B 344 6.84 -5.42 16.37
C ASP B 344 6.01 -5.04 15.14
N PRO B 345 6.55 -5.27 13.93
CA PRO B 345 5.77 -4.94 12.72
C PRO B 345 4.76 -6.06 12.44
N LYS B 346 3.60 -5.72 11.91
CA LYS B 346 2.60 -6.74 11.61
C LYS B 346 2.99 -7.53 10.37
N ASP B 347 4.03 -7.06 9.69
CA ASP B 347 4.53 -7.73 8.48
C ASP B 347 5.43 -8.90 8.90
N ALA B 348 5.88 -8.86 10.15
CA ALA B 348 6.76 -9.87 10.71
C ALA B 348 6.32 -11.31 10.47
N GLN B 349 7.27 -12.14 10.02
CA GLN B 349 7.02 -13.54 9.77
C GLN B 349 7.79 -14.36 10.81
N ILE B 350 8.28 -13.65 11.83
CA ILE B 350 9.04 -14.22 12.95
C ILE B 350 10.15 -15.22 12.59
#